data_4UI0
#
_entry.id   4UI0
#
_cell.length_a   85.021
_cell.length_b   85.021
_cell.length_c   115.182
_cell.angle_alpha   90.00
_cell.angle_beta   90.00
_cell.angle_gamma   120.00
#
_symmetry.space_group_name_H-M   'P 32 2 1'
#
loop_
_entity.id
_entity.type
_entity.pdbx_description
1 polymer 'BONE MORPHOGENETIC PROTEIN 2'
2 polymer 'RGM DOMAIN FAMILY MEMBER B'
3 non-polymer (4S)-2-METHYL-2,4-PENTANEDIOL
4 non-polymer 'CITRATE ANION'
5 non-polymer 'CHLORIDE ION'
6 water water
#
loop_
_entity_poly.entity_id
_entity_poly.type
_entity_poly.pdbx_seq_one_letter_code
_entity_poly.pdbx_strand_id
1 'polypeptide(L)'
;QAKHKQRKRLKSSCKRHPLYVDFSDVGWNDWIVAPPGYHAFYCHGECPFPLADHLNSTNHAIVQTLVNSVNSKIPKACCV
PTELSAISMLYLDENEKVVLKNYQDMVVEGCGCR
;
A,B
2 'polypeptide(L)'
;ETGQCRIQKCTTDFVSLTSHLNSAVDGFDSEFCKALRAYAGCTQRTSKACRGNLVYHSAVLGISDLMSQRNCSKDGPTSS
TNPEVTHGTKHHHHHH
;
C
#
# COMPACT_ATOMS: atom_id res chain seq x y z
N LYS A 11 9.88 -1.94 22.06
CA LYS A 11 9.08 -1.75 20.85
C LYS A 11 8.82 -3.10 20.15
N SER A 12 7.52 -3.47 19.99
CA SER A 12 7.11 -4.73 19.37
C SER A 12 7.42 -4.76 17.87
N SER A 13 7.99 -5.90 17.42
CA SER A 13 8.43 -6.14 16.05
C SER A 13 7.26 -6.54 15.13
N CYS A 14 7.53 -6.49 13.80
CA CYS A 14 6.65 -6.78 12.69
C CYS A 14 6.01 -8.18 12.79
N LYS A 15 4.66 -8.18 12.85
CA LYS A 15 3.84 -9.37 12.91
C LYS A 15 2.39 -9.00 12.55
N ARG A 16 1.57 -10.05 12.32
CA ARG A 16 0.16 -9.91 12.02
C ARG A 16 -0.59 -9.75 13.34
N HIS A 17 -1.71 -9.03 13.28
CA HIS A 17 -2.57 -8.73 14.42
C HIS A 17 -3.99 -8.98 14.00
N PRO A 18 -4.83 -9.48 14.91
CA PRO A 18 -6.22 -9.76 14.51
C PRO A 18 -7.01 -8.49 14.24
N LEU A 19 -7.97 -8.57 13.31
CA LEU A 19 -8.88 -7.50 12.95
C LEU A 19 -10.13 -8.04 12.29
N TYR A 20 -11.26 -7.98 13.04
CA TYR A 20 -12.56 -8.36 12.48
C TYR A 20 -13.18 -7.12 11.86
N VAL A 21 -13.54 -7.19 10.58
CA VAL A 21 -14.14 -6.04 9.92
C VAL A 21 -15.64 -6.24 9.90
N ASP A 22 -16.38 -5.44 10.63
CA ASP A 22 -17.83 -5.51 10.62
C ASP A 22 -18.29 -4.52 9.57
N PHE A 23 -18.90 -5.03 8.48
CA PHE A 23 -19.31 -4.18 7.34
C PHE A 23 -20.30 -3.11 7.72
N SER A 24 -21.15 -3.34 8.72
CA SER A 24 -22.09 -2.32 9.17
C SER A 24 -21.34 -1.18 9.85
N ASP A 25 -20.20 -1.45 10.56
CA ASP A 25 -19.40 -0.40 11.23
C ASP A 25 -18.75 0.57 10.23
N VAL A 26 -18.40 0.08 9.02
CA VAL A 26 -17.78 0.86 7.94
C VAL A 26 -18.85 1.30 6.91
N GLY A 27 -20.11 1.00 7.20
CA GLY A 27 -21.26 1.36 6.37
C GLY A 27 -21.33 0.66 5.03
N TRP A 28 -20.67 -0.49 4.89
CA TRP A 28 -20.64 -1.28 3.68
C TRP A 28 -21.79 -2.30 3.63
N ASN A 29 -22.58 -2.35 4.71
CA ASN A 29 -23.76 -3.20 4.81
C ASN A 29 -24.88 -2.66 3.93
N ASP A 30 -24.68 -1.51 3.27
CA ASP A 30 -25.66 -0.97 2.35
C ASP A 30 -25.54 -1.61 0.95
N TRP A 31 -24.49 -2.46 0.72
CA TRP A 31 -24.31 -3.13 -0.55
C TRP A 31 -23.88 -4.61 -0.40
N ILE A 32 -23.12 -4.96 0.67
CA ILE A 32 -22.67 -6.34 0.91
C ILE A 32 -23.78 -7.15 1.63
N VAL A 33 -24.52 -8.00 0.87
CA VAL A 33 -25.58 -8.86 1.39
C VAL A 33 -25.03 -9.84 2.42
N ALA A 34 -23.88 -10.44 2.09
CA ALA A 34 -23.21 -11.40 2.94
C ALA A 34 -21.70 -11.42 2.64
N PRO A 35 -20.82 -11.73 3.61
CA PRO A 35 -21.07 -11.95 5.05
C PRO A 35 -21.30 -10.63 5.81
N PRO A 36 -21.61 -10.68 7.14
CA PRO A 36 -21.77 -9.40 7.89
C PRO A 36 -20.44 -8.68 8.17
N GLY A 37 -19.36 -9.42 7.94
CA GLY A 37 -17.99 -8.98 8.12
C GLY A 37 -17.06 -10.15 7.91
N TYR A 38 -15.77 -9.95 8.19
CA TYR A 38 -14.74 -10.99 8.01
C TYR A 38 -13.47 -10.65 8.79
N HIS A 39 -12.61 -11.67 8.94
CA HIS A 39 -11.35 -11.49 9.62
C HIS A 39 -10.31 -11.06 8.60
N ALA A 40 -10.01 -9.75 8.56
CA ALA A 40 -9.03 -9.22 7.61
C ALA A 40 -7.61 -9.33 8.12
N PHE A 41 -7.42 -9.10 9.45
CA PHE A 41 -6.10 -9.00 10.10
C PHE A 41 -5.42 -7.67 9.65
N TYR A 42 -4.26 -7.37 10.21
CA TYR A 42 -3.44 -6.25 9.79
C TYR A 42 -1.99 -6.49 10.25
N CYS A 43 -1.05 -5.75 9.65
CA CYS A 43 0.36 -5.86 9.94
C CYS A 43 0.81 -4.68 10.74
N HIS A 44 1.72 -4.93 11.68
CA HIS A 44 2.24 -3.84 12.50
C HIS A 44 3.52 -4.24 13.23
N GLY A 45 4.36 -3.25 13.45
CA GLY A 45 5.61 -3.48 14.15
C GLY A 45 6.85 -2.98 13.46
N GLU A 46 7.93 -2.94 14.25
CA GLU A 46 9.27 -2.51 13.91
C GLU A 46 9.94 -3.49 12.95
N CYS A 47 10.71 -2.94 12.03
CA CYS A 47 11.55 -3.65 11.08
C CYS A 47 12.96 -3.29 11.49
N PRO A 48 13.50 -3.97 12.55
CA PRO A 48 14.77 -3.53 13.13
C PRO A 48 16.01 -4.07 12.42
N PHE A 49 17.14 -3.36 12.54
CA PHE A 49 18.38 -3.74 11.89
C PHE A 49 18.76 -5.26 12.14
N PRO A 50 18.97 -5.76 13.37
CA PRO A 50 19.24 -7.19 13.54
C PRO A 50 18.04 -8.09 13.22
N HIS A 54 15.43 -12.70 9.49
CA HIS A 54 14.41 -13.59 10.03
C HIS A 54 13.02 -13.24 9.47
N LEU A 55 12.82 -11.96 9.15
CA LEU A 55 11.58 -11.43 8.57
C LEU A 55 11.63 -11.54 7.07
N ASN A 56 10.46 -11.54 6.44
CA ASN A 56 10.37 -11.57 4.99
C ASN A 56 10.59 -10.12 4.50
N SER A 57 11.71 -9.88 3.75
CA SER A 57 12.07 -8.57 3.22
C SER A 57 12.76 -8.64 1.89
N THR A 58 12.53 -7.61 1.06
CA THR A 58 13.20 -7.39 -0.21
C THR A 58 14.61 -6.95 0.04
N ASN A 59 15.43 -6.99 -1.00
CA ASN A 59 16.79 -6.45 -0.93
C ASN A 59 16.77 -4.95 -0.62
N HIS A 60 15.74 -4.23 -1.11
CA HIS A 60 15.61 -2.81 -0.87
C HIS A 60 15.37 -2.54 0.61
N ALA A 61 14.49 -3.33 1.21
CA ALA A 61 14.17 -3.25 2.63
C ALA A 61 15.43 -3.54 3.50
N ILE A 62 16.31 -4.45 3.03
CA ILE A 62 17.58 -4.75 3.73
C ILE A 62 18.49 -3.52 3.68
N VAL A 63 18.54 -2.85 2.51
CA VAL A 63 19.40 -1.71 2.28
C VAL A 63 18.88 -0.52 3.07
N GLN A 64 17.58 -0.16 2.92
CA GLN A 64 16.95 0.97 3.62
C GLN A 64 17.15 0.84 5.15
N THR A 65 17.01 -0.38 5.68
CA THR A 65 17.21 -0.71 7.10
C THR A 65 18.69 -0.46 7.51
N LEU A 66 19.65 -0.83 6.65
CA LEU A 66 21.07 -0.61 6.92
C LEU A 66 21.38 0.90 6.83
N VAL A 67 20.76 1.61 5.89
CA VAL A 67 20.96 3.05 5.71
C VAL A 67 20.40 3.77 6.94
N ASN A 68 19.22 3.33 7.42
CA ASN A 68 18.58 3.90 8.60
C ASN A 68 19.47 3.78 9.87
N SER A 69 20.17 2.64 10.03
CA SER A 69 21.09 2.37 11.16
C SER A 69 22.32 3.30 11.13
N VAL A 70 22.50 4.01 10.03
CA VAL A 70 23.62 4.92 9.80
C VAL A 70 23.08 6.37 9.74
N ASN A 71 21.84 6.56 9.27
CA ASN A 71 21.18 7.87 9.18
C ASN A 71 19.65 7.73 9.46
N SER A 72 19.24 8.11 10.69
CA SER A 72 17.87 8.08 11.23
C SER A 72 16.87 8.87 10.40
N LYS A 73 17.33 9.93 9.69
CA LYS A 73 16.49 10.78 8.82
C LYS A 73 15.87 9.94 7.68
N ILE A 74 16.46 8.77 7.39
CA ILE A 74 15.94 7.80 6.44
C ILE A 74 15.12 6.80 7.23
N PRO A 75 13.81 6.67 6.93
CA PRO A 75 12.97 5.77 7.74
C PRO A 75 13.30 4.27 7.56
N LYS A 76 12.89 3.45 8.54
CA LYS A 76 13.03 1.98 8.51
C LYS A 76 12.09 1.41 7.45
N ALA A 77 12.28 0.11 7.09
CA ALA A 77 11.34 -0.54 6.17
C ALA A 77 9.96 -0.59 6.86
N CYS A 78 8.88 -0.79 6.12
CA CYS A 78 7.59 -0.80 6.76
C CYS A 78 6.96 -2.21 6.83
N CYS A 79 6.24 -2.50 7.94
CA CYS A 79 5.57 -3.77 8.20
C CYS A 79 4.21 -3.78 7.46
N VAL A 80 4.15 -4.53 6.33
CA VAL A 80 3.01 -4.61 5.43
C VAL A 80 2.63 -6.07 5.10
N PRO A 81 1.39 -6.35 4.60
CA PRO A 81 1.03 -7.72 4.20
C PRO A 81 1.86 -8.20 3.00
N THR A 82 2.46 -9.38 3.13
CA THR A 82 3.30 -9.91 2.07
C THR A 82 2.66 -11.16 1.45
N GLU A 83 1.63 -11.74 2.08
CA GLU A 83 0.86 -12.89 1.57
C GLU A 83 -0.60 -12.65 1.88
N LEU A 84 -1.45 -12.55 0.85
CA LEU A 84 -2.87 -12.29 1.08
C LEU A 84 -3.77 -13.36 0.46
N SER A 85 -5.03 -13.42 0.88
CA SER A 85 -5.95 -14.42 0.37
C SER A 85 -7.30 -13.78 0.05
N ALA A 86 -8.07 -14.42 -0.83
CA ALA A 86 -9.35 -13.90 -1.29
C ALA A 86 -10.51 -14.30 -0.42
N ILE A 87 -11.63 -13.57 -0.51
CA ILE A 87 -12.89 -13.93 0.15
C ILE A 87 -14.02 -13.80 -0.88
N SER A 88 -15.15 -14.46 -0.64
CA SER A 88 -16.24 -14.29 -1.59
C SER A 88 -17.37 -13.59 -0.86
N MET A 89 -17.99 -12.62 -1.54
CA MET A 89 -19.09 -11.84 -0.96
C MET A 89 -20.30 -11.79 -1.90
N LEU A 90 -21.46 -11.47 -1.35
CA LEU A 90 -22.69 -11.39 -2.10
C LEU A 90 -23.17 -9.97 -2.14
N TYR A 91 -23.57 -9.51 -3.32
CA TYR A 91 -24.14 -8.18 -3.49
C TYR A 91 -25.38 -8.31 -4.37
N LEU A 92 -26.06 -7.20 -4.64
CA LEU A 92 -27.23 -7.26 -5.51
C LEU A 92 -27.00 -6.49 -6.76
N ASP A 93 -27.58 -6.99 -7.87
CA ASP A 93 -27.58 -6.28 -9.16
C ASP A 93 -28.84 -5.37 -9.17
N GLU A 94 -29.05 -4.61 -10.28
CA GLU A 94 -30.17 -3.69 -10.44
C GLU A 94 -31.52 -4.37 -10.17
N ASN A 95 -31.64 -5.66 -10.54
CA ASN A 95 -32.85 -6.48 -10.42
C ASN A 95 -33.05 -7.11 -9.05
N GLU A 96 -32.20 -6.76 -8.05
CA GLU A 96 -32.25 -7.30 -6.66
C GLU A 96 -31.92 -8.82 -6.66
N LYS A 97 -31.20 -9.27 -7.69
CA LYS A 97 -30.70 -10.64 -7.85
C LYS A 97 -29.33 -10.72 -7.17
N VAL A 98 -29.08 -11.82 -6.43
CA VAL A 98 -27.80 -12.00 -5.72
C VAL A 98 -26.68 -12.29 -6.72
N VAL A 99 -25.53 -11.62 -6.53
CA VAL A 99 -24.36 -11.88 -7.35
C VAL A 99 -23.18 -12.22 -6.41
N LEU A 100 -22.57 -13.40 -6.62
CA LEU A 100 -21.39 -13.79 -5.87
C LEU A 100 -20.14 -13.28 -6.60
N LYS A 101 -19.19 -12.71 -5.87
CA LYS A 101 -17.93 -12.22 -6.44
C LYS A 101 -16.75 -12.55 -5.47
N ASN A 102 -15.57 -12.87 -6.04
CA ASN A 102 -14.38 -13.18 -5.26
C ASN A 102 -13.48 -11.95 -5.20
N TYR A 103 -13.28 -11.39 -4.00
CA TYR A 103 -12.45 -10.20 -3.82
C TYR A 103 -11.05 -10.62 -3.42
N GLN A 104 -10.06 -10.28 -4.25
CA GLN A 104 -8.67 -10.68 -4.03
C GLN A 104 -8.01 -9.85 -2.94
N ASP A 105 -6.90 -10.38 -2.37
CA ASP A 105 -6.09 -9.71 -1.34
C ASP A 105 -6.92 -9.03 -0.26
N MET A 106 -7.83 -9.79 0.37
CA MET A 106 -8.71 -9.27 1.43
C MET A 106 -8.23 -9.65 2.83
N VAL A 107 -7.54 -10.80 2.95
CA VAL A 107 -7.08 -11.31 4.22
C VAL A 107 -5.58 -11.37 4.23
N VAL A 108 -4.99 -10.98 5.35
CA VAL A 108 -3.57 -11.05 5.58
C VAL A 108 -3.26 -12.44 6.04
N GLU A 109 -2.39 -13.13 5.30
CA GLU A 109 -1.87 -14.45 5.70
C GLU A 109 -0.50 -14.23 6.30
N GLY A 110 0.23 -13.21 5.83
CA GLY A 110 1.57 -12.96 6.32
C GLY A 110 2.03 -11.54 6.21
N CYS A 111 2.91 -11.14 7.16
CA CYS A 111 3.50 -9.80 7.19
C CYS A 111 4.98 -9.85 6.85
N GLY A 112 5.47 -8.73 6.35
CA GLY A 112 6.86 -8.57 6.02
C GLY A 112 7.22 -7.12 6.02
N CYS A 113 8.54 -6.86 5.93
CA CYS A 113 9.16 -5.55 5.89
C CYS A 113 9.48 -5.21 4.47
N ARG A 114 8.92 -4.10 3.97
CA ARG A 114 9.14 -3.66 2.60
C ARG A 114 9.53 -2.19 2.55
N LYS B 11 0.39 16.99 6.48
CA LYS B 11 0.89 15.63 6.27
C LYS B 11 1.00 15.29 4.77
N SER B 12 2.25 15.08 4.28
CA SER B 12 2.53 14.74 2.88
C SER B 12 2.10 13.31 2.56
N SER B 13 1.53 13.11 1.35
CA SER B 13 1.05 11.81 0.88
C SER B 13 2.19 10.92 0.35
N CYS B 14 1.85 9.64 0.14
CA CYS B 14 2.72 8.57 -0.32
C CYS B 14 3.31 8.86 -1.70
N LYS B 15 4.64 8.86 -1.76
CA LYS B 15 5.44 9.07 -2.97
C LYS B 15 6.86 8.57 -2.75
N ARG B 16 7.62 8.47 -3.86
CA ARG B 16 9.01 8.10 -3.86
C ARG B 16 9.86 9.34 -3.53
N HIS B 17 11.00 9.10 -2.90
CA HIS B 17 11.94 10.13 -2.48
C HIS B 17 13.34 9.67 -2.86
N PRO B 18 14.20 10.59 -3.29
CA PRO B 18 15.55 10.17 -3.69
C PRO B 18 16.38 9.67 -2.50
N LEU B 19 17.28 8.71 -2.77
CA LEU B 19 18.20 8.18 -1.80
C LEU B 19 19.39 7.53 -2.48
N TYR B 20 20.54 8.17 -2.37
CA TYR B 20 21.78 7.62 -2.90
C TYR B 20 22.43 6.81 -1.78
N VAL B 21 22.73 5.54 -2.04
CA VAL B 21 23.33 4.70 -1.03
C VAL B 21 24.82 4.62 -1.32
N ASP B 22 25.64 5.19 -0.45
CA ASP B 22 27.10 5.11 -0.63
C ASP B 22 27.56 3.88 0.15
N PHE B 23 28.08 2.86 -0.57
CA PHE B 23 28.45 1.57 0.05
C PHE B 23 29.53 1.70 1.11
N SER B 24 30.39 2.70 1.01
CA SER B 24 31.41 2.95 2.01
C SER B 24 30.75 3.39 3.31
N ASP B 25 29.71 4.24 3.22
CA ASP B 25 28.99 4.75 4.41
C ASP B 25 28.32 3.63 5.22
N VAL B 26 27.88 2.54 4.56
CA VAL B 26 27.23 1.39 5.20
C VAL B 26 28.27 0.24 5.41
N GLY B 27 29.52 0.49 5.06
CA GLY B 27 30.62 -0.46 5.22
C GLY B 27 30.57 -1.66 4.31
N TRP B 28 29.85 -1.56 3.20
CA TRP B 28 29.70 -2.63 2.22
C TRP B 28 30.78 -2.57 1.13
N ASN B 29 31.65 -1.55 1.21
CA ASN B 29 32.76 -1.37 0.30
C ASN B 29 33.85 -2.40 0.60
N ASP B 30 33.67 -3.23 1.64
CA ASP B 30 34.63 -4.28 1.96
C ASP B 30 34.40 -5.54 1.09
N TRP B 31 33.28 -5.57 0.32
CA TRP B 31 32.96 -6.71 -0.56
C TRP B 31 32.44 -6.28 -1.95
N ILE B 32 31.74 -5.12 -2.07
CA ILE B 32 31.23 -4.63 -3.35
C ILE B 32 32.34 -3.83 -4.10
N VAL B 33 33.00 -4.47 -5.09
CA VAL B 33 34.08 -3.85 -5.88
C VAL B 33 33.54 -2.64 -6.65
N ALA B 34 32.35 -2.80 -7.24
CA ALA B 34 31.70 -1.74 -8.02
C ALA B 34 30.19 -1.96 -8.01
N PRO B 35 29.35 -0.91 -8.08
CA PRO B 35 29.67 0.53 -8.06
C PRO B 35 30.04 1.04 -6.64
N PRO B 36 30.42 2.34 -6.49
CA PRO B 36 30.68 2.88 -5.13
C PRO B 36 29.39 3.08 -4.30
N GLY B 37 28.26 3.00 -4.98
CA GLY B 37 26.93 3.19 -4.44
C GLY B 37 25.92 3.20 -5.57
N TYR B 38 24.65 3.49 -5.25
CA TYR B 38 23.58 3.51 -6.23
C TYR B 38 22.37 4.27 -5.71
N HIS B 39 21.49 4.61 -6.65
CA HIS B 39 20.28 5.32 -6.33
C HIS B 39 19.20 4.30 -6.00
N ALA B 40 19.01 4.09 -4.67
CA ALA B 40 18.02 3.17 -4.17
C ALA B 40 16.61 3.75 -4.22
N PHE B 41 16.46 5.02 -3.80
CA PHE B 41 15.17 5.69 -3.56
C PHE B 41 14.54 5.09 -2.30
N TYR B 42 13.43 5.67 -1.85
CA TYR B 42 12.63 5.14 -0.76
C TYR B 42 11.20 5.71 -0.86
N CYS B 43 10.25 5.02 -0.19
CA CYS B 43 8.85 5.42 -0.17
C CYS B 43 8.51 6.02 1.16
N HIS B 44 7.72 7.12 1.13
CA HIS B 44 7.27 7.78 2.35
C HIS B 44 6.04 8.64 2.08
N GLY B 45 5.18 8.77 3.09
CA GLY B 45 3.97 9.60 3.02
C GLY B 45 2.67 8.92 3.42
N GLU B 46 1.69 9.73 3.85
CA GLU B 46 0.37 9.29 4.28
C GLU B 46 -0.39 8.61 3.17
N CYS B 47 -1.16 7.59 3.58
CA CYS B 47 -2.10 6.81 2.77
C CYS B 47 -3.50 7.27 3.24
N PRO B 48 -3.98 8.46 2.79
CA PRO B 48 -5.23 8.99 3.35
C PRO B 48 -6.47 8.35 2.76
N PHE B 49 -7.57 8.42 3.52
CA PHE B 49 -8.83 7.79 3.20
C PHE B 49 -9.28 8.05 1.74
N PRO B 50 -9.51 9.29 1.27
CA PRO B 50 -9.99 9.43 -0.11
C PRO B 50 -8.90 9.05 -1.13
N LEU B 51 -7.75 9.72 -1.11
CA LEU B 51 -6.65 9.55 -2.06
C LEU B 51 -6.06 8.09 -2.15
N ALA B 52 -5.57 7.50 -1.02
CA ALA B 52 -4.91 6.17 -0.91
C ALA B 52 -5.40 5.11 -1.92
N ASP B 53 -6.75 4.93 -2.09
CA ASP B 53 -7.47 3.97 -2.97
C ASP B 53 -6.71 3.56 -4.24
N HIS B 54 -6.25 4.57 -5.04
CA HIS B 54 -5.44 4.44 -6.28
C HIS B 54 -5.04 5.88 -6.78
N LEU B 55 -3.76 6.35 -6.61
CA LEU B 55 -2.54 5.74 -6.05
C LEU B 55 -2.35 4.28 -6.52
N ASN B 56 -2.02 3.37 -5.58
CA ASN B 56 -1.82 1.94 -5.83
C ASN B 56 -1.98 1.23 -4.51
N SER B 57 -3.04 0.38 -4.41
CA SER B 57 -3.34 -0.33 -3.17
C SER B 57 -4.09 -1.63 -3.42
N THR B 58 -3.87 -2.58 -2.51
CA THR B 58 -4.58 -3.83 -2.43
C THR B 58 -5.97 -3.56 -1.90
N ASN B 59 -6.87 -4.53 -2.04
CA ASN B 59 -8.18 -4.46 -1.46
C ASN B 59 -8.10 -4.38 0.08
N HIS B 60 -7.07 -5.04 0.68
CA HIS B 60 -6.87 -5.00 2.11
C HIS B 60 -6.53 -3.59 2.56
N ALA B 61 -5.63 -2.93 1.83
CA ALA B 61 -5.23 -1.56 2.11
C ALA B 61 -6.45 -0.60 2.01
N ILE B 62 -7.40 -0.87 1.07
CA ILE B 62 -8.62 -0.07 0.94
C ILE B 62 -9.48 -0.25 2.20
N VAL B 63 -9.57 -1.47 2.69
CA VAL B 63 -10.38 -1.84 3.84
C VAL B 63 -9.78 -1.26 5.11
N GLN B 64 -8.48 -1.53 5.37
CA GLN B 64 -7.77 -1.04 6.56
C GLN B 64 -7.88 0.49 6.66
N THR B 65 -7.76 1.18 5.52
CA THR B 65 -7.89 2.64 5.42
C THR B 65 -9.34 3.09 5.81
N LEU B 66 -10.36 2.35 5.37
CA LEU B 66 -11.75 2.65 5.69
C LEU B 66 -12.01 2.38 7.18
N VAL B 67 -11.42 1.31 7.72
CA VAL B 67 -11.56 0.94 9.13
C VAL B 67 -10.90 2.03 9.99
N ASN B 68 -9.72 2.49 9.57
CA ASN B 68 -8.98 3.53 10.27
C ASN B 68 -9.80 4.85 10.38
N SER B 69 -10.54 5.23 9.30
CA SER B 69 -11.38 6.43 9.24
C SER B 69 -12.58 6.34 10.23
N VAL B 70 -12.81 5.15 10.78
CA VAL B 70 -13.88 4.84 11.70
C VAL B 70 -13.28 4.54 13.12
N ASN B 71 -12.05 4.00 13.17
CA ASN B 71 -11.34 3.68 14.41
C ASN B 71 -9.82 3.89 14.24
N SER B 72 -9.32 5.03 14.77
CA SER B 72 -7.92 5.50 14.73
C SER B 72 -6.92 4.49 15.34
N LYS B 73 -7.37 3.67 16.33
CA LYS B 73 -6.54 2.65 16.99
C LYS B 73 -6.05 1.60 15.95
N ILE B 74 -6.73 1.51 14.79
CA ILE B 74 -6.30 0.68 13.66
C ILE B 74 -5.48 1.58 12.75
N PRO B 75 -4.20 1.24 12.50
CA PRO B 75 -3.35 2.12 11.68
C PRO B 75 -3.76 2.16 10.20
N LYS B 76 -3.34 3.25 9.51
CA LYS B 76 -3.55 3.44 8.06
C LYS B 76 -2.68 2.45 7.29
N ALA B 77 -2.93 2.30 5.96
CA ALA B 77 -2.09 1.43 5.14
C ALA B 77 -0.65 2.06 5.13
N CYS B 78 0.37 1.29 4.79
CA CYS B 78 1.69 1.87 4.79
C CYS B 78 2.26 2.12 3.36
N CYS B 79 3.01 3.23 3.21
CA CYS B 79 3.64 3.64 1.94
C CYS B 79 4.95 2.84 1.76
N VAL B 80 4.91 1.86 0.83
CA VAL B 80 6.00 0.92 0.55
C VAL B 80 6.27 0.81 -0.98
N PRO B 81 7.48 0.29 -1.39
CA PRO B 81 7.74 0.08 -2.83
C PRO B 81 6.82 -0.98 -3.42
N THR B 82 6.17 -0.64 -4.53
CA THR B 82 5.26 -1.56 -5.17
C THR B 82 5.80 -2.02 -6.53
N GLU B 83 6.84 -1.37 -7.05
CA GLU B 83 7.52 -1.76 -8.29
C GLU B 83 9.01 -1.57 -8.06
N LEU B 84 9.79 -2.65 -8.14
CA LEU B 84 11.23 -2.54 -7.93
C LEU B 84 12.04 -3.03 -9.13
N SER B 85 13.27 -2.55 -9.26
CA SER B 85 14.13 -2.94 -10.36
C SER B 85 15.50 -3.38 -9.84
N ALA B 86 16.23 -4.09 -10.72
CA ALA B 86 17.51 -4.68 -10.37
C ALA B 86 18.71 -3.82 -10.71
N ILE B 87 19.85 -4.12 -10.06
CA ILE B 87 21.13 -3.48 -10.37
C ILE B 87 22.20 -4.55 -10.51
N SER B 88 23.33 -4.24 -11.15
CA SER B 88 24.38 -5.26 -11.23
C SER B 88 25.56 -4.76 -10.44
N MET B 89 26.17 -5.65 -9.65
CA MET B 89 27.33 -5.29 -8.84
C MET B 89 28.48 -6.27 -9.06
N LEU B 90 29.68 -5.85 -8.73
CA LEU B 90 30.88 -6.68 -8.84
C LEU B 90 31.40 -7.01 -7.48
N TYR B 91 31.73 -8.26 -7.26
CA TYR B 91 32.35 -8.69 -6.01
C TYR B 91 33.52 -9.63 -6.35
N LEU B 92 34.22 -10.13 -5.33
CA LEU B 92 35.31 -11.09 -5.50
C LEU B 92 34.89 -12.42 -4.94
N ASP B 93 35.24 -13.52 -5.64
CA ASP B 93 34.99 -14.87 -5.12
C ASP B 93 36.20 -15.22 -4.22
N GLU B 94 36.41 -16.51 -3.94
CA GLU B 94 37.57 -16.95 -3.15
C GLU B 94 38.87 -16.85 -3.96
N ASN B 95 38.77 -16.90 -5.29
CA ASN B 95 39.90 -16.90 -6.22
C ASN B 95 40.42 -15.49 -6.57
N GLU B 96 39.85 -14.43 -5.92
CA GLU B 96 40.16 -12.99 -6.12
C GLU B 96 39.78 -12.53 -7.55
N LYS B 97 38.92 -13.30 -8.24
CA LYS B 97 38.44 -12.99 -9.59
C LYS B 97 37.16 -12.20 -9.47
N VAL B 98 36.94 -11.20 -10.33
CA VAL B 98 35.72 -10.37 -10.31
C VAL B 98 34.51 -11.19 -10.77
N VAL B 99 33.41 -11.10 -10.04
CA VAL B 99 32.17 -11.79 -10.39
C VAL B 99 31.05 -10.75 -10.49
N LEU B 100 30.37 -10.70 -11.65
CA LEU B 100 29.21 -9.83 -11.84
C LEU B 100 27.96 -10.58 -11.41
N LYS B 101 27.06 -9.92 -10.65
CA LYS B 101 25.80 -10.51 -10.21
C LYS B 101 24.67 -9.45 -10.29
N ASN B 102 23.47 -9.86 -10.66
CA ASN B 102 22.32 -8.96 -10.74
C ASN B 102 21.48 -9.10 -9.47
N TYR B 103 21.39 -8.03 -8.69
CA TYR B 103 20.63 -8.06 -7.45
C TYR B 103 19.22 -7.51 -7.69
N GLN B 104 18.20 -8.34 -7.48
CA GLN B 104 16.80 -7.97 -7.73
C GLN B 104 16.26 -7.07 -6.65
N ASP B 105 15.16 -6.37 -6.94
CA ASP B 105 14.45 -5.48 -6.02
C ASP B 105 15.38 -4.59 -5.20
N MET B 106 16.27 -3.83 -5.90
CA MET B 106 17.23 -2.94 -5.26
C MET B 106 16.82 -1.50 -5.34
N VAL B 107 16.05 -1.18 -6.40
CA VAL B 107 15.67 0.19 -6.75
C VAL B 107 14.18 0.33 -6.78
N VAL B 108 13.63 1.34 -6.08
CA VAL B 108 12.19 1.64 -6.08
C VAL B 108 11.88 2.33 -7.38
N GLU B 109 10.96 1.77 -8.14
CA GLU B 109 10.43 2.38 -9.36
C GLU B 109 9.10 3.04 -9.03
N GLY B 110 8.38 2.48 -8.06
CA GLY B 110 7.09 3.00 -7.67
C GLY B 110 6.69 2.70 -6.25
N CYS B 111 5.89 3.62 -5.67
CA CYS B 111 5.38 3.47 -4.30
C CYS B 111 3.86 3.23 -4.32
N GLY B 112 3.39 2.58 -3.26
CA GLY B 112 2.00 2.29 -3.05
C GLY B 112 1.71 2.06 -1.59
N CYS B 113 0.40 2.00 -1.28
CA CYS B 113 -0.16 1.79 0.04
C CYS B 113 -0.56 0.35 0.19
N ARG B 114 0.02 -0.33 1.19
CA ARG B 114 -0.23 -1.74 1.45
C ARG B 114 -0.57 -1.97 2.90
N GLN C 4 -17.71 -0.80 -18.66
CA GLN C 4 -18.07 -1.35 -17.35
C GLN C 4 -17.79 -0.31 -16.25
N CYS C 5 -17.19 -0.71 -15.09
CA CYS C 5 -16.92 0.22 -13.99
C CYS C 5 -15.77 1.16 -14.34
N ARG C 6 -16.06 2.48 -14.28
CA ARG C 6 -15.17 3.57 -14.64
C ARG C 6 -14.79 4.51 -13.46
N ILE C 7 -14.63 3.99 -12.22
CA ILE C 7 -14.23 4.86 -11.09
C ILE C 7 -12.74 5.21 -11.20
N GLN C 8 -11.93 4.33 -11.85
CA GLN C 8 -10.49 4.55 -12.07
C GLN C 8 -10.29 5.84 -12.88
N LYS C 9 -11.13 6.05 -13.91
CA LYS C 9 -11.11 7.23 -14.76
C LYS C 9 -11.54 8.46 -13.96
N CYS C 10 -12.57 8.34 -13.09
CA CYS C 10 -13.05 9.44 -12.24
C CYS C 10 -11.99 9.85 -11.22
N THR C 11 -11.24 8.85 -10.67
CA THR C 11 -10.22 9.02 -9.63
C THR C 11 -9.00 9.72 -10.20
N THR C 12 -8.38 9.17 -11.28
CA THR C 12 -7.21 9.76 -11.94
C THR C 12 -7.49 11.22 -12.32
N ASP C 13 -8.75 11.53 -12.69
CA ASP C 13 -9.24 12.87 -13.05
C ASP C 13 -9.32 13.80 -11.82
N PHE C 14 -9.69 13.27 -10.65
CA PHE C 14 -9.74 14.08 -9.43
C PHE C 14 -8.33 14.27 -8.83
N VAL C 15 -7.51 13.18 -8.77
CA VAL C 15 -6.14 13.14 -8.23
C VAL C 15 -5.24 14.15 -8.99
N SER C 16 -5.39 14.26 -10.34
CA SER C 16 -4.64 15.19 -11.18
C SER C 16 -5.02 16.66 -10.89
N LEU C 17 -6.32 16.92 -10.56
CA LEU C 17 -6.85 18.24 -10.24
C LEU C 17 -6.35 18.72 -8.85
N THR C 18 -6.31 17.81 -7.86
CA THR C 18 -5.85 18.05 -6.48
C THR C 18 -4.32 18.26 -6.48
N SER C 19 -3.59 17.58 -7.40
CA SER C 19 -2.14 17.57 -7.59
C SER C 19 -1.41 17.19 -6.30
N CYS C 33 -13.93 21.62 -3.58
CA CYS C 33 -15.39 21.51 -3.62
C CYS C 33 -15.95 21.90 -5.00
N LYS C 34 -15.04 22.00 -6.00
CA LYS C 34 -15.31 22.27 -7.42
C LYS C 34 -14.88 21.03 -8.21
N ALA C 35 -13.85 20.32 -7.68
CA ALA C 35 -13.29 19.07 -8.19
C ALA C 35 -14.01 17.86 -7.56
N LEU C 36 -14.45 18.01 -6.29
CA LEU C 36 -15.20 17.02 -5.51
C LEU C 36 -16.59 16.83 -6.07
N ARG C 37 -17.24 17.95 -6.49
CA ARG C 37 -18.56 18.03 -7.09
C ARG C 37 -18.57 17.33 -8.46
N ALA C 38 -17.47 17.51 -9.24
CA ALA C 38 -17.24 16.92 -10.56
C ALA C 38 -16.96 15.41 -10.45
N TYR C 39 -16.33 14.99 -9.33
CA TYR C 39 -15.98 13.61 -9.00
C TYR C 39 -17.20 12.89 -8.40
N ALA C 40 -18.13 13.63 -7.76
CA ALA C 40 -19.37 13.08 -7.18
C ALA C 40 -20.38 12.70 -8.27
N GLY C 41 -20.40 13.46 -9.36
CA GLY C 41 -21.27 13.22 -10.50
C GLY C 41 -20.78 12.05 -11.34
N CYS C 42 -19.47 12.07 -11.66
CA CYS C 42 -18.72 11.06 -12.40
C CYS C 42 -18.99 9.65 -11.84
N THR C 43 -18.83 9.47 -10.50
CA THR C 43 -19.06 8.20 -9.79
C THR C 43 -20.56 7.83 -9.79
N GLN C 44 -21.46 8.83 -9.81
CA GLN C 44 -22.91 8.58 -9.82
C GLN C 44 -23.35 8.12 -11.21
N ARG C 45 -22.57 8.46 -12.26
CA ARG C 45 -22.87 8.05 -13.64
C ARG C 45 -22.52 6.57 -13.85
N THR C 46 -21.29 6.15 -13.46
CA THR C 46 -20.79 4.78 -13.60
C THR C 46 -21.33 3.84 -12.49
N SER C 47 -22.02 4.42 -11.47
CA SER C 47 -22.62 3.75 -10.31
C SER C 47 -23.33 2.43 -10.64
N LYS C 48 -24.07 2.38 -11.76
CA LYS C 48 -24.82 1.20 -12.20
C LYS C 48 -23.88 0.02 -12.55
N ALA C 49 -22.72 0.33 -13.18
CA ALA C 49 -21.71 -0.63 -13.61
C ALA C 49 -20.62 -0.90 -12.54
N CYS C 50 -20.70 -0.18 -11.40
CA CYS C 50 -19.79 -0.25 -10.26
C CYS C 50 -20.48 -0.89 -9.01
N ARG C 51 -21.62 -1.56 -9.24
CA ARG C 51 -22.52 -2.17 -8.25
C ARG C 51 -21.82 -3.15 -7.23
N GLY C 52 -20.74 -3.80 -7.66
CA GLY C 52 -20.00 -4.72 -6.81
C GLY C 52 -18.53 -4.38 -6.73
N ASN C 53 -18.21 -3.10 -6.97
CA ASN C 53 -16.85 -2.55 -7.00
C ASN C 53 -16.44 -1.99 -5.63
N LEU C 54 -15.37 -2.56 -5.05
CA LEU C 54 -14.82 -2.19 -3.75
C LEU C 54 -14.21 -0.79 -3.76
N VAL C 55 -13.53 -0.44 -4.86
CA VAL C 55 -12.89 0.87 -5.05
C VAL C 55 -13.98 1.95 -5.27
N TYR C 56 -15.13 1.57 -5.83
CA TYR C 56 -16.22 2.53 -6.01
C TYR C 56 -16.88 2.76 -4.66
N HIS C 57 -17.27 1.69 -3.98
CA HIS C 57 -17.94 1.77 -2.69
C HIS C 57 -17.08 2.49 -1.63
N SER C 58 -15.74 2.49 -1.81
CA SER C 58 -14.90 3.30 -0.94
C SER C 58 -14.96 4.75 -1.40
N ALA C 59 -14.96 5.01 -2.75
CA ALA C 59 -15.05 6.36 -3.33
C ALA C 59 -16.33 7.08 -2.88
N VAL C 60 -17.50 6.41 -2.92
CA VAL C 60 -18.76 7.01 -2.45
C VAL C 60 -18.54 7.53 -1.03
N LEU C 61 -18.01 6.67 -0.12
CA LEU C 61 -17.68 6.99 1.28
C LEU C 61 -16.61 8.10 1.39
N GLY C 62 -15.62 8.09 0.50
CA GLY C 62 -14.53 9.06 0.46
C GLY C 62 -14.98 10.47 0.12
N ILE C 63 -15.80 10.60 -0.93
CA ILE C 63 -16.40 11.83 -1.43
C ILE C 63 -17.33 12.41 -0.35
N SER C 64 -18.26 11.58 0.17
CA SER C 64 -19.21 11.93 1.23
C SER C 64 -18.45 12.52 2.44
N ASP C 65 -17.35 11.87 2.86
CA ASP C 65 -16.51 12.26 3.99
C ASP C 65 -15.83 13.65 3.78
N LEU C 66 -15.59 14.06 2.52
CA LEU C 66 -14.95 15.36 2.22
C LEU C 66 -15.99 16.45 1.94
N MET C 67 -17.28 16.09 1.94
CA MET C 67 -18.38 17.04 1.77
C MET C 67 -18.74 17.66 3.13
N SER C 68 -18.32 16.98 4.23
CA SER C 68 -18.52 17.40 5.62
C SER C 68 -17.22 18.01 6.22
N GLN C 69 -16.05 17.46 5.82
CA GLN C 69 -14.71 17.89 6.26
C GLN C 69 -13.76 18.06 5.04
N ARG C 70 -13.59 19.28 4.45
CA ARG C 70 -14.19 20.59 4.78
C ARG C 70 -15.60 20.74 4.20
N ASN C 71 -16.57 21.20 5.04
CA ASN C 71 -17.98 21.41 4.69
C ASN C 71 -18.17 22.45 3.57
N CYS C 72 -18.95 22.06 2.53
CA CYS C 72 -19.26 22.88 1.35
C CYS C 72 -20.52 22.37 0.65
#